data_5V3F
#
_entry.id   5V3F
#
_cell.length_a   63.199
_cell.length_b   63.199
_cell.length_c   138.413
_cell.angle_alpha   90.00
_cell.angle_beta   90.00
_cell.angle_gamma   90.00
#
_symmetry.space_group_name_H-M   'P 41 21 2'
#
loop_
_entity.id
_entity.type
_entity.pdbx_description
1 polymer 'RNA (31-MER)'
2 non-polymer 'POTASSIUM ION'
3 non-polymer 4-{[(2S)-3-{2,16-dioxo-20-[(3aS,4S,6aR)-2-oxohexahydro-1H-thieno[3,4-d]imidazol-4-yl]-6,9,12-trioxa-3,15-diazaicosan-1-yl}-2,3-dihydro-1,3-benzothiazol-2-yl]methyl}-1-methylquinolin-1-ium
4 non-polymer 'PHOSPHATE ION'
5 water water
#
_entity_poly.entity_id   1
_entity_poly.type   'polyribonucleotide'
_entity_poly.pdbx_seq_one_letter_code
;GUGCGAAGGGACGGUGCGGAGAGGAGAGCAC
;
_entity_poly.pdbx_strand_id   A,B
#
loop_
_chem_comp.id
_chem_comp.type
_chem_comp.name
_chem_comp.formula
74G non-polymer 4-{[(2S)-3-{2,16-dioxo-20-[(3aS,4S,6aR)-2-oxohexahydro-1H-thieno[3,4-d]imidazol-4-yl]-6,9,12-trioxa-3,15-diazaicosan-1-yl}-2,3-dihydro-1,3-benzothiazol-2-yl]methyl}-1-methylquinolin-1-ium 'C38 H51 N6 O6 S2 1'
A RNA linking ADENOSINE-5'-MONOPHOSPHATE 'C10 H14 N5 O7 P'
C RNA linking CYTIDINE-5'-MONOPHOSPHATE 'C9 H14 N3 O8 P'
G RNA linking GUANOSINE-5'-MONOPHOSPHATE 'C10 H14 N5 O8 P'
K non-polymer 'POTASSIUM ION' 'K 1'
PO4 non-polymer 'PHOSPHATE ION' 'O4 P -3'
U RNA linking URIDINE-5'-MONOPHOSPHATE 'C9 H13 N2 O9 P'
#
# COMPACT_ATOMS: atom_id res chain seq x y z
K K C . -0.19 -1.90 0.61
K K D . -3.25 -3.13 -0.01
K K E . -6.53 -4.23 -0.54
C 74G F . -12.56 -2.23 -5.53
N 74G F . -17.72 -3.25 2.28
O 74G F . -16.96 -1.17 1.85
C2 74G F . -13.04 -3.14 -3.24
N2 74G F . -10.13 -7.68 -1.42
O2 74G F . -14.25 -6.35 4.95
C3 74G F . -13.46 -2.74 -1.82
N3 74G F . -9.64 -7.69 -7.94
O3 74G F . -12.58 -6.13 2.78
C4 74G F . -14.96 -2.96 -1.58
N4 74G F . -13.52 -0.81 -3.92
O4 74G F . -12.64 -6.26 -0.72
C5 74G F . -15.34 -2.54 -0.15
N5 74G F . -12.20 -0.82 -5.66
C6 74G F . -16.83 -2.76 0.09
C7 74G F . -17.17 -2.32 1.49
C8 74G F . -17.95 -3.02 3.70
C9 74G F . -17.94 -4.32 4.50
C10 74G F . -16.50 -5.82 5.61
C11 74G F . -15.05 -5.95 6.07
C12 74G F . -12.86 -6.15 5.19
O5 74G F . -12.66 1.15 -4.66
C37 74G F . -12.78 -0.07 -4.74
C36 74G F . -13.56 -2.22 -4.35
S 74G F . -11.29 -3.11 -3.41
C1 74G F . -11.28 -2.99 -5.18
O1 74G F . -16.60 -4.76 4.67
C13 74G F . -12.09 -6.71 3.99
C14 74G F . -12.39 -4.72 2.74
C15 74G F . -12.43 -4.25 1.28
N1 74G F . -11.35 -4.87 0.53
C16 74G F . -11.55 -5.81 -0.42
C17 74G F . -10.31 -6.25 -1.15
C35 74G F . -9.91 -8.71 -0.49
C34 74G F . -9.89 -8.56 0.90
C33 74G F . -9.60 -9.68 1.67
C32 74G F . -9.30 -10.89 1.06
C31 74G F . -9.31 -11.04 -0.33
C30 74G F . -9.61 -9.91 -1.10
S1 74G F . -9.68 -9.83 -2.80
C18 74G F . -9.90 -8.07 -2.82
C19 74G F . -10.81 -7.43 -3.85
C20 74G F . -10.42 -7.50 -5.28
C29 74G F . -11.20 -6.89 -6.27
C28 74G F . -12.36 -6.20 -5.94
C27 74G F . -13.12 -5.60 -6.93
C26 74G F . -12.73 -5.69 -8.26
C25 74G F . -11.56 -6.38 -8.60
C24 74G F . -10.81 -6.99 -7.60
C23 74G F . -9.22 -7.79 -9.35
C22 74G F . -8.90 -8.28 -6.99
C21 74G F . -9.28 -8.19 -5.65
K K G . 2.92 -0.80 1.18
K K H . 6.05 0.57 1.76
K K I . -2.52 7.41 0.70
C 74G J . 10.21 2.66 8.42
N 74G J . 12.24 10.00 3.13
O 74G J . 10.80 10.42 4.79
C2 74G J . 10.59 3.85 6.26
N2 74G J . 11.19 0.81 1.49
O2 74G J . 11.27 8.10 -1.47
C3 74G J . 10.27 5.14 5.53
N3 74G J . 12.47 -3.29 6.39
O3 74G J . 10.54 5.69 -0.26
C4 74G J . 11.46 6.10 5.54
N4 74G J . 9.52 4.88 8.25
O4 74G J . 11.79 3.55 2.47
C5 74G J . 11.07 7.39 4.84
N5 74G J . 9.05 3.00 9.24
C6 74G J . 12.13 8.47 5.01
C7 74G J . 11.67 9.72 4.30
C8 74G J . 11.97 11.23 2.41
C9 74G J . 12.57 11.21 1.01
C10 74G J . 12.28 10.25 -1.15
C11 74G J . 11.29 9.44 -1.96
C12 74G J . 10.14 7.38 -1.97
O5 74G J . 7.74 4.79 9.67
C37 74G J . 8.70 4.27 9.10
C36 74G J . 10.60 4.01 7.79
S 74G J . 9.41 2.60 5.89
C1 74G J . 9.74 1.66 7.35
O1 74G J . 11.82 10.30 0.20
C13 74G J . 10.29 5.90 -1.65
C14 74G J . 9.50 6.14 0.60
C15 74G J . 9.76 5.46 1.93
N1 74G J . 9.68 4.02 1.78
C16 74G J . 10.67 3.19 2.14
C17 74G J . 10.29 1.74 2.16
C35 74G J . 11.42 0.68 0.13
C34 74G J . 10.91 1.51 -0.86
C33 74G J . 11.22 1.20 -2.19
C32 74G J . 12.00 0.08 -2.50
C31 74G J . 12.49 -0.75 -1.50
C30 74G J . 12.19 -0.42 -0.18
S1 74G J . 12.69 -1.27 1.20
C18 74G J . 11.70 -0.31 2.30
C19 74G J . 12.17 0.01 3.70
C20 74G J . 12.28 -1.13 4.65
C29 74G J . 12.65 -0.90 5.98
C28 74G J . 12.93 0.38 6.41
C27 74G J . 13.30 0.59 7.74
C26 74G J . 13.39 -0.48 8.63
C25 74G J . 13.12 -1.78 8.19
C24 74G J . 12.75 -1.98 6.84
C23 74G J . 12.57 -4.43 7.31
C22 74G J . 12.12 -3.49 5.11
C21 74G J . 12.02 -2.42 4.22
P PO4 K . 5.07 7.60 -8.40
O2 PO4 K . 3.94 6.83 -9.05
O3 PO4 K . 6.35 7.40 -9.19
O4 PO4 K . 4.71 9.06 -8.28
P PO4 L . 9.21 15.67 -14.08
O1 PO4 L . 8.97 16.37 -12.76
O2 PO4 L . 9.65 14.25 -13.81
O3 PO4 L . 7.93 15.66 -14.89
O4 PO4 L . 10.28 16.39 -14.86
#